data_9PV3
#
_entry.id   9PV3
#
_cell.length_a   1.00
_cell.length_b   1.00
_cell.length_c   1.00
_cell.angle_alpha   90.00
_cell.angle_beta   90.00
_cell.angle_gamma   90.00
#
_symmetry.space_group_name_H-M   'P 1'
#
loop_
_entity.id
_entity.type
_entity.pdbx_description
1 polymer 'W6-10 mouse Fab heavy chain'
2 polymer 'W6-10 mouse Fab light chain'
3 polymer '10E8-GT12 immunogen'
4 polymer 'SA2102_10E8-like_2911_H_pFabCW mouse Fab heavy chain'
5 polymer 'SA2102_Pro2621_10E8like2621_Kap_pCW mouse Fab light chain'
6 non-polymer 2-acetamido-2-deoxy-beta-D-glucopyranose
#
loop_
_entity_poly.entity_id
_entity_poly.type
_entity_poly.pdbx_seq_one_letter_code
_entity_poly.pdbx_strand_id
1 'polypeptide(L)'
;QVTLKESGPGILQPSQTLSLTCSFSGFSLSTFGMGVGWIRQPSGKGLEWLAHIWWDDDKFYNPALKSRLTISKDTSKNQV
FLKIANVDTADTATYYCARIGEDYFLDVWGKGTTVTVSS
;
B
2 'polypeptide(L)'
;DIQMTQSPASLSASVGETVTITCRASGNIHNYLAWYQQKQGKSPQLLVYNAKTLADGVPSRFSGSGSGTQYSLKINSLQP
EDFGSYYCQHFWSAPYTFGGGTNLEIK
;
C
3 'polypeptide(L)'
;ETGNVTQEDIIRALASPLIKDGMVDEDFAEKVIENESRYPSGLQAKGVGFAIPHVLGDYVRDNAISVGILDKPVNFSEWY
QSPDPVPVRVVFMLAIRTWDDITNVMNWIKDVVLDEEFMKRLLNMSDEEIYRQIYTRISKAPNLSGINFSREYVRHLNGS
GGSGLNDIFEAQKIEWHEGSGGHHHHHH
;
D
4 'polypeptide(L)'
;QVQLKQSGPGLVQPSQSLSITCTVSGFSLTSYGVHWVRQSPGKGLEWLGVIWSGGSTDYNAAFISRLSISKDNSKSQVFF
KMNSLQADDTAIYYCARAPPYYDFWSGYSYYYYYMDVWGKGTTVTV
;
H
5 'polypeptide(L)'
;DIVMTQSPSSLAMSVGQKVTMSCKSSQSLLNSSNQKNYLAWYQQKPGQSPKLLVYFASTRESGVPDRFIGSGSGTDFTLT
ISSVQAEDLADYFCQQHYSTPLTFGAGTKLELK
;
L
#
loop_
_chem_comp.id
_chem_comp.type
_chem_comp.name
_chem_comp.formula
NAG D-saccharide, beta linking 2-acetamido-2-deoxy-beta-D-glucopyranose 'C8 H15 N O6'
#
# COMPACT_ATOMS: atom_id res chain seq x y z
N VAL A 2 26.34 -26.17 -8.65
CA VAL A 2 27.74 -26.32 -8.25
C VAL A 2 28.61 -26.35 -9.49
N THR A 3 28.31 -27.27 -10.41
CA THR A 3 29.11 -27.48 -11.61
C THR A 3 28.31 -27.00 -12.81
N LEU A 4 28.95 -26.18 -13.65
CA LEU A 4 28.35 -25.67 -14.87
C LEU A 4 29.29 -25.85 -16.07
N LYS A 5 28.75 -26.48 -17.13
CA LYS A 5 29.44 -26.73 -18.39
C LYS A 5 28.61 -26.08 -19.50
N GLU A 6 29.22 -25.79 -20.65
CA GLU A 6 28.56 -25.14 -21.78
C GLU A 6 28.82 -25.89 -23.08
N SER A 7 27.92 -25.69 -24.04
CA SER A 7 28.11 -26.29 -25.36
C SER A 7 27.55 -25.38 -26.44
N GLY A 8 28.18 -25.42 -27.60
CA GLY A 8 27.77 -24.62 -28.73
C GLY A 8 28.64 -24.78 -29.95
N PRO A 9 28.33 -24.04 -31.02
CA PRO A 9 29.09 -24.12 -32.26
C PRO A 9 30.45 -23.47 -32.15
N GLY A 10 31.32 -23.83 -33.10
CA GLY A 10 32.65 -23.28 -33.25
C GLY A 10 32.65 -22.17 -34.28
N ILE A 11 32.87 -22.51 -35.55
CA ILE A 11 32.98 -21.52 -36.63
C ILE A 11 31.63 -21.46 -37.35
N LEU A 12 31.06 -20.25 -37.41
CA LEU A 12 29.77 -20.01 -38.02
C LEU A 12 29.92 -19.06 -39.20
N GLN A 13 28.95 -19.15 -40.14
CA GLN A 13 28.84 -18.17 -41.21
C GLN A 13 27.96 -17.02 -40.75
N PRO A 14 28.17 -15.79 -41.26
CA PRO A 14 27.31 -14.67 -40.82
C PRO A 14 25.81 -14.90 -40.93
N SER A 15 25.37 -15.68 -41.91
CA SER A 15 23.94 -15.93 -42.11
C SER A 15 23.36 -16.99 -41.17
N GLN A 16 24.18 -17.70 -40.39
CA GLN A 16 23.69 -18.77 -39.55
C GLN A 16 23.23 -18.26 -38.18
N THR A 17 22.34 -19.05 -37.57
CA THR A 17 21.83 -18.79 -36.24
C THR A 17 22.75 -19.44 -35.20
N LEU A 18 23.09 -18.68 -34.18
CA LEU A 18 23.93 -19.16 -33.08
C LEU A 18 23.04 -19.73 -31.97
N SER A 19 23.45 -20.86 -31.42
CA SER A 19 22.75 -21.49 -30.31
C SER A 19 23.75 -22.00 -29.29
N LEU A 20 23.59 -21.59 -28.04
CA LEU A 20 24.51 -21.87 -26.95
C LEU A 20 23.68 -22.40 -25.79
N THR A 21 24.14 -23.46 -25.11
CA THR A 21 23.40 -23.96 -23.95
C THR A 21 24.28 -24.20 -22.74
N CYS A 22 23.59 -24.24 -21.58
CA CYS A 22 24.12 -24.47 -20.25
C CYS A 22 23.84 -25.92 -19.84
N SER A 23 24.69 -26.47 -18.99
CA SER A 23 24.43 -27.76 -18.35
C SER A 23 24.87 -27.70 -16.90
N PHE A 24 23.93 -27.99 -16.00
CA PHE A 24 24.14 -27.94 -14.56
C PHE A 24 23.90 -29.32 -13.95
N SER A 25 24.55 -29.58 -12.82
CA SER A 25 24.33 -30.82 -12.08
C SER A 25 23.36 -30.64 -10.92
N GLY A 26 23.82 -30.15 -9.77
CA GLY A 26 22.99 -30.00 -8.59
C GLY A 26 22.15 -28.74 -8.51
N PHE A 27 22.29 -27.81 -9.46
CA PHE A 27 21.50 -26.59 -9.40
C PHE A 27 20.06 -26.93 -9.75
N SER A 28 19.12 -26.46 -8.93
CA SER A 28 17.69 -26.67 -9.12
C SER A 28 17.04 -25.32 -9.36
N LEU A 29 16.11 -25.28 -10.32
CA LEU A 29 15.30 -24.10 -10.62
C LEU A 29 13.84 -24.29 -10.18
N SER A 30 13.63 -24.84 -8.99
CA SER A 30 12.29 -24.96 -8.41
C SER A 30 12.01 -23.90 -7.34
N THR A 31 12.93 -22.96 -7.11
CA THR A 31 12.78 -21.93 -6.09
C THR A 31 13.12 -20.57 -6.68
N PHE A 32 12.48 -19.53 -6.13
CA PHE A 32 12.69 -18.16 -6.56
C PHE A 32 14.14 -17.69 -6.40
N GLY A 33 14.89 -18.28 -5.47
CA GLY A 33 16.22 -17.80 -5.13
C GLY A 33 17.23 -17.63 -6.26
N MET A 34 17.15 -18.44 -7.32
CA MET A 34 18.18 -18.41 -8.37
C MET A 34 17.66 -18.33 -9.79
N GLY A 35 18.30 -17.45 -10.58
CA GLY A 35 18.10 -17.35 -12.01
C GLY A 35 19.39 -17.70 -12.73
N VAL A 36 19.36 -17.56 -14.06
CA VAL A 36 20.52 -17.88 -14.91
C VAL A 36 20.67 -16.80 -15.97
N GLY A 37 21.92 -16.45 -16.31
CA GLY A 37 22.16 -15.50 -17.39
C GLY A 37 23.45 -15.80 -18.13
N TRP A 38 23.67 -15.03 -19.19
CA TRP A 38 24.85 -15.16 -20.06
C TRP A 38 25.64 -13.87 -20.20
N ILE A 39 26.95 -14.02 -20.23
CA ILE A 39 27.91 -12.92 -20.28
C ILE A 39 28.80 -13.10 -21.51
N ARG A 40 28.97 -12.03 -22.29
CA ARG A 40 29.81 -12.06 -23.49
C ARG A 40 31.10 -11.32 -23.21
N GLN A 41 32.20 -11.83 -23.78
CA GLN A 41 33.52 -11.19 -23.66
C GLN A 41 34.30 -11.20 -24.96
N PRO A 42 34.22 -10.13 -25.76
CA PRO A 42 35.05 -10.09 -26.97
C PRO A 42 36.51 -10.13 -26.55
N SER A 43 37.34 -10.78 -27.36
CA SER A 43 38.75 -10.91 -26.99
C SER A 43 39.41 -9.54 -26.85
N GLY A 44 40.11 -9.35 -25.74
CA GLY A 44 40.82 -8.12 -25.47
C GLY A 44 39.97 -7.02 -24.85
N LYS A 45 38.68 -7.24 -24.69
CA LYS A 45 37.73 -6.28 -24.15
C LYS A 45 37.17 -6.78 -22.82
N GLY A 46 36.35 -5.94 -22.19
CA GLY A 46 35.71 -6.29 -20.93
C GLY A 46 34.47 -7.13 -21.16
N LEU A 47 33.71 -7.31 -20.09
CA LEU A 47 32.54 -8.18 -20.12
C LEU A 47 31.30 -7.35 -20.45
N GLU A 48 30.38 -7.97 -21.18
CA GLU A 48 29.10 -7.37 -21.52
C GLU A 48 27.97 -8.31 -21.14
N TRP A 49 26.96 -7.77 -20.47
CA TRP A 49 25.79 -8.54 -20.07
C TRP A 49 24.84 -8.69 -21.25
N LEU A 50 24.43 -9.92 -21.55
CA LEU A 50 23.54 -10.18 -22.68
C LEU A 50 22.07 -10.34 -22.26
N ALA A 51 21.79 -11.24 -21.34
CA ALA A 51 20.41 -11.51 -20.95
C ALA A 51 20.40 -12.49 -19.77
N HIS A 52 19.24 -12.56 -19.12
CA HIS A 52 19.03 -13.53 -18.06
C HIS A 52 17.55 -13.87 -17.94
N ILE A 53 17.29 -15.03 -17.35
CA ILE A 53 15.95 -15.52 -17.02
C ILE A 53 15.91 -15.87 -15.54
N TRP A 54 14.93 -15.31 -14.84
CA TRP A 54 14.68 -15.54 -13.43
C TRP A 54 13.91 -16.85 -13.24
N TRP A 55 13.88 -17.33 -11.99
CA TRP A 55 13.06 -18.50 -11.68
C TRP A 55 11.62 -18.29 -12.10
N ASP A 56 11.06 -17.14 -11.76
CA ASP A 56 9.76 -16.78 -12.28
C ASP A 56 9.98 -16.60 -13.78
N ASP A 57 9.25 -17.33 -14.60
CA ASP A 57 9.58 -17.30 -16.01
C ASP A 57 9.26 -15.92 -16.56
N ASP A 58 10.33 -15.18 -16.82
CA ASP A 58 10.29 -13.83 -17.36
C ASP A 58 11.53 -13.71 -18.21
N LYS A 59 11.70 -12.57 -18.89
CA LYS A 59 12.82 -12.44 -19.80
C LYS A 59 13.24 -10.98 -19.87
N PHE A 60 14.55 -10.76 -19.74
CA PHE A 60 15.15 -9.43 -19.81
C PHE A 60 16.28 -9.50 -20.81
N TYR A 61 16.41 -8.46 -21.64
CA TYR A 61 17.41 -8.40 -22.70
C TYR A 61 18.16 -7.08 -22.59
N ASN A 62 19.42 -7.12 -23.00
CA ASN A 62 20.23 -5.91 -23.09
C ASN A 62 19.78 -5.10 -24.30
N PRO A 63 19.25 -3.88 -24.13
CA PRO A 63 18.71 -3.16 -25.30
C PRO A 63 19.75 -2.82 -26.35
N ALA A 64 21.05 -2.92 -26.02
CA ALA A 64 22.10 -2.60 -26.98
C ALA A 64 22.21 -3.63 -28.09
N LEU A 65 21.55 -4.78 -27.96
CA LEU A 65 21.60 -5.85 -28.95
C LEU A 65 20.50 -5.72 -30.01
N LYS A 66 19.73 -4.63 -29.98
CA LYS A 66 18.73 -4.31 -31.00
C LYS A 66 17.73 -5.44 -31.21
N SER A 67 17.33 -6.07 -30.10
CA SER A 67 16.33 -7.15 -30.10
C SER A 67 16.67 -8.29 -31.05
N ARG A 68 17.96 -8.54 -31.28
CA ARG A 68 18.35 -9.68 -32.11
C ARG A 68 18.41 -10.98 -31.31
N LEU A 69 18.33 -10.90 -29.99
CA LEU A 69 18.45 -12.05 -29.11
C LEU A 69 17.07 -12.49 -28.65
N THR A 70 16.75 -13.77 -28.86
CA THR A 70 15.51 -14.38 -28.41
C THR A 70 15.89 -15.62 -27.62
N ILE A 71 15.38 -15.74 -26.40
CA ILE A 71 15.78 -16.80 -25.48
C ILE A 71 14.56 -17.55 -24.97
N SER A 72 14.62 -18.88 -25.06
CA SER A 72 13.65 -19.77 -24.43
C SER A 72 14.39 -20.49 -23.31
N LYS A 73 13.66 -20.91 -22.27
CA LYS A 73 14.25 -21.69 -21.19
C LYS A 73 13.39 -22.90 -20.93
N ASP A 74 14.03 -24.07 -20.90
CA ASP A 74 13.37 -25.33 -20.61
C ASP A 74 13.54 -25.63 -19.12
N THR A 75 12.97 -26.75 -18.68
CA THR A 75 13.16 -27.29 -17.34
C THR A 75 13.96 -28.57 -17.38
N SER A 76 14.00 -29.23 -18.53
CA SER A 76 14.79 -30.44 -18.73
C SER A 76 16.17 -29.99 -19.17
N LYS A 77 17.20 -30.34 -18.40
CA LYS A 77 18.59 -29.95 -18.64
C LYS A 77 18.83 -28.44 -18.59
N ASN A 78 17.85 -27.66 -18.08
CA ASN A 78 17.94 -26.19 -17.88
C ASN A 78 18.50 -25.52 -19.15
N GLN A 79 18.02 -25.95 -20.31
CA GLN A 79 18.57 -25.41 -21.55
C GLN A 79 18.13 -23.97 -21.78
N VAL A 80 19.10 -23.09 -22.00
CA VAL A 80 18.89 -21.69 -22.34
C VAL A 80 19.64 -21.54 -23.67
N PHE A 81 18.94 -21.12 -24.73
CA PHE A 81 19.52 -21.23 -26.06
C PHE A 81 20.28 -20.02 -26.58
N LEU A 82 20.08 -18.82 -26.04
CA LEU A 82 20.68 -17.57 -26.56
C LEU A 82 20.61 -17.50 -28.09
N LYS A 83 19.42 -17.63 -28.67
CA LYS A 83 19.37 -17.60 -30.12
C LYS A 83 19.52 -16.17 -30.59
N ILE A 84 20.44 -15.95 -31.54
CA ILE A 84 20.68 -14.66 -32.17
C ILE A 84 20.35 -14.80 -33.64
N ALA A 85 19.40 -14.00 -34.12
CA ALA A 85 18.92 -14.14 -35.48
C ALA A 85 20.02 -13.91 -36.51
N ASN A 86 20.91 -12.95 -36.25
CA ASN A 86 21.96 -12.60 -37.19
C ASN A 86 23.28 -12.34 -36.47
N VAL A 87 24.33 -13.03 -36.91
CA VAL A 87 25.66 -12.95 -36.32
C VAL A 87 26.54 -12.12 -37.25
N ASP A 88 26.98 -10.97 -36.78
CA ASP A 88 27.83 -10.07 -37.56
C ASP A 88 29.30 -10.47 -37.37
N THR A 89 30.20 -9.68 -37.95
CA THR A 89 31.63 -10.00 -37.86
C THR A 89 32.29 -9.35 -36.66
N ALA A 90 31.55 -8.52 -35.92
CA ALA A 90 32.04 -7.95 -34.67
C ALA A 90 31.83 -8.93 -33.53
N ASP A 91 30.84 -9.81 -33.66
CA ASP A 91 30.47 -10.77 -32.63
C ASP A 91 31.41 -11.97 -32.66
N THR A 92 32.63 -11.73 -32.14
CA THR A 92 33.70 -12.71 -32.05
C THR A 92 34.12 -12.72 -30.58
N ALA A 93 33.60 -13.66 -29.80
CA ALA A 93 33.74 -13.52 -28.36
C ALA A 93 33.62 -14.85 -27.63
N THR A 94 34.09 -14.84 -26.37
CA THR A 94 33.85 -15.95 -25.47
C THR A 94 32.48 -15.74 -24.82
N TYR A 95 31.67 -16.79 -24.78
CA TYR A 95 30.35 -16.75 -24.16
C TYR A 95 30.30 -17.62 -22.91
N TYR A 96 29.94 -17.00 -21.78
CA TYR A 96 29.89 -17.67 -20.49
C TYR A 96 28.45 -17.79 -20.00
N CYS A 97 28.14 -18.91 -19.38
CA CYS A 97 26.89 -19.11 -18.65
C CYS A 97 27.19 -18.90 -17.18
N ALA A 98 26.32 -18.17 -16.47
CA ALA A 98 26.53 -17.98 -15.04
C ALA A 98 25.22 -17.93 -14.28
N ARG A 99 25.27 -18.43 -13.05
CA ARG A 99 24.14 -18.38 -12.14
C ARG A 99 24.03 -16.98 -11.56
N ILE A 100 22.80 -16.51 -11.34
CA ILE A 100 22.64 -15.26 -10.63
C ILE A 100 22.67 -15.50 -9.13
N GLY A 101 22.05 -16.58 -8.68
CA GLY A 101 22.07 -16.91 -7.29
C GLY A 101 21.10 -16.03 -6.54
N GLU A 102 21.18 -16.14 -5.21
CA GLU A 102 20.38 -15.27 -4.38
C GLU A 102 21.03 -13.89 -4.38
N ASP A 103 20.24 -12.86 -4.07
CA ASP A 103 20.77 -11.49 -4.12
C ASP A 103 21.38 -11.28 -5.52
N TYR A 104 22.68 -10.97 -5.62
CA TYR A 104 23.36 -10.79 -6.90
C TYR A 104 24.73 -11.46 -6.79
N PHE A 105 24.73 -12.73 -6.40
CA PHE A 105 25.93 -13.50 -6.12
C PHE A 105 26.19 -14.46 -7.29
N LEU A 106 27.16 -14.15 -8.15
CA LEU A 106 27.47 -15.00 -9.29
C LEU A 106 28.40 -16.11 -8.80
N ASP A 107 27.82 -17.06 -8.08
CA ASP A 107 28.60 -18.11 -7.43
C ASP A 107 29.11 -19.17 -8.40
N VAL A 108 28.35 -19.50 -9.43
CA VAL A 108 28.69 -20.58 -10.35
C VAL A 108 28.86 -20.03 -11.75
N TRP A 109 30.07 -20.19 -12.28
CA TRP A 109 30.44 -19.79 -13.62
C TRP A 109 30.95 -21.05 -14.31
N GLY A 110 30.79 -21.11 -15.62
CA GLY A 110 31.35 -22.20 -16.38
C GLY A 110 32.72 -21.86 -16.91
N LYS A 111 33.05 -22.46 -18.05
CA LYS A 111 34.36 -22.26 -18.66
C LYS A 111 34.27 -21.36 -19.87
N GLY A 112 33.13 -21.38 -20.54
CA GLY A 112 32.84 -20.56 -21.70
C GLY A 112 33.12 -21.27 -23.00
N THR A 113 32.38 -20.85 -24.03
CA THR A 113 32.54 -21.34 -25.38
C THR A 113 33.19 -20.22 -26.18
N THR A 114 33.75 -20.55 -27.34
CA THR A 114 34.34 -19.56 -28.23
C THR A 114 33.52 -19.49 -29.50
N VAL A 115 33.00 -18.30 -29.81
CA VAL A 115 32.19 -18.07 -31.00
C VAL A 115 32.98 -17.17 -31.93
N THR A 116 33.23 -17.65 -33.15
CA THR A 116 33.96 -16.91 -34.16
C THR A 116 33.19 -16.94 -35.48
N VAL A 117 33.73 -16.25 -36.47
CA VAL A 117 33.10 -16.09 -37.78
C VAL A 117 34.13 -16.41 -38.86
N SER A 118 33.63 -16.69 -40.05
CA SER A 118 34.48 -16.87 -41.23
C SER A 118 33.75 -16.46 -42.50
N ASP B 1 20.24 7.41 -18.01
CA ASP B 1 20.67 6.01 -18.30
C ASP B 1 21.22 5.29 -17.07
N ILE B 2 21.78 4.09 -17.28
CA ILE B 2 22.36 3.29 -16.22
C ILE B 2 23.80 2.90 -16.52
N GLN B 3 24.51 3.70 -17.33
CA GLN B 3 25.85 3.30 -17.74
C GLN B 3 26.82 3.35 -16.57
N MET B 4 27.56 2.25 -16.41
CA MET B 4 28.59 2.10 -15.38
C MET B 4 29.95 2.48 -15.92
N THR B 5 30.77 3.11 -15.08
CA THR B 5 32.16 3.40 -15.41
C THR B 5 33.07 2.92 -14.28
N GLN B 6 34.35 2.84 -14.59
CA GLN B 6 35.33 2.29 -13.66
C GLN B 6 36.70 2.88 -14.00
N SER B 7 37.52 3.13 -12.98
CA SER B 7 38.86 3.66 -13.17
C SER B 7 39.70 3.31 -11.95
N PRO B 8 41.05 3.37 -12.06
CA PRO B 8 41.91 3.65 -13.23
C PRO B 8 41.85 2.51 -14.24
N ALA B 9 41.95 2.76 -15.55
CA ALA B 9 41.89 1.67 -16.52
C ALA B 9 43.03 0.68 -16.35
N SER B 10 44.22 1.19 -16.02
CA SER B 10 45.39 0.34 -15.82
C SER B 10 46.25 0.89 -14.69
N LEU B 11 46.59 0.03 -13.75
CA LEU B 11 47.37 0.40 -12.57
C LEU B 11 48.33 -0.74 -12.28
N SER B 12 49.44 -0.41 -11.61
CA SER B 12 50.41 -1.43 -11.23
C SER B 12 50.95 -1.11 -9.84
N ALA B 13 51.37 -2.15 -9.13
CA ALA B 13 51.92 -2.00 -7.79
C ALA B 13 52.77 -3.21 -7.47
N SER B 14 53.67 -3.05 -6.51
CA SER B 14 54.48 -4.15 -6.01
C SER B 14 53.70 -4.92 -4.95
N VAL B 15 54.25 -6.09 -4.58
CA VAL B 15 53.61 -6.91 -3.55
C VAL B 15 53.69 -6.20 -2.22
N GLY B 16 52.56 -6.14 -1.51
CA GLY B 16 52.46 -5.47 -0.23
C GLY B 16 51.80 -4.10 -0.24
N GLU B 17 51.57 -3.52 -1.42
CA GLU B 17 50.95 -2.21 -1.50
C GLU B 17 49.42 -2.28 -1.40
N THR B 18 48.83 -1.17 -0.96
CA THR B 18 47.38 -1.02 -0.86
C THR B 18 46.84 -0.49 -2.19
N VAL B 19 45.79 -1.11 -2.70
CA VAL B 19 45.19 -0.75 -3.99
C VAL B 19 43.71 -0.41 -3.84
N THR B 20 43.31 0.73 -4.41
CA THR B 20 41.92 1.18 -4.43
C THR B 20 41.45 1.37 -5.86
N ILE B 21 40.29 0.79 -6.19
CA ILE B 21 39.68 0.89 -7.52
C ILE B 21 38.31 1.55 -7.38
N THR B 22 38.04 2.58 -8.19
CA THR B 22 36.78 3.32 -8.15
C THR B 22 35.82 2.88 -9.25
N CYS B 23 34.56 2.65 -8.87
CA CYS B 23 33.47 2.24 -9.75
C CYS B 23 32.31 3.21 -9.51
N ARG B 24 31.74 3.76 -10.58
CA ARG B 24 30.68 4.77 -10.47
C ARG B 24 29.50 4.49 -11.39
N ALA B 25 28.32 4.92 -10.94
CA ALA B 25 27.07 4.84 -11.69
C ALA B 25 26.51 6.21 -12.00
N SER B 26 25.85 6.32 -13.15
CA SER B 26 25.13 7.54 -13.50
C SER B 26 23.82 7.70 -12.76
N GLY B 27 23.30 6.64 -12.14
CA GLY B 27 22.01 6.66 -11.47
C GLY B 27 22.09 6.63 -9.95
N ASN B 28 21.67 5.52 -9.35
CA ASN B 28 21.72 5.35 -7.90
C ASN B 28 21.75 3.85 -7.64
N ILE B 29 22.73 3.42 -6.86
CA ILE B 29 22.96 2.00 -6.61
C ILE B 29 22.25 1.47 -5.37
N HIS B 30 22.18 2.24 -4.29
CA HIS B 30 21.60 1.75 -3.02
C HIS B 30 22.28 0.49 -2.48
N ASN B 31 23.62 0.47 -2.53
CA ASN B 31 24.45 -0.63 -2.00
C ASN B 31 24.18 -2.03 -2.59
N TYR B 32 24.09 -2.10 -3.93
CA TYR B 32 23.99 -3.34 -4.69
C TYR B 32 25.14 -3.62 -5.67
N LEU B 33 26.32 -3.04 -5.46
CA LEU B 33 27.45 -3.32 -6.35
C LEU B 33 28.23 -4.47 -5.77
N ALA B 34 28.69 -5.36 -6.65
CA ALA B 34 29.54 -6.45 -6.25
C ALA B 34 30.68 -6.56 -7.25
N TRP B 35 31.84 -6.91 -6.71
CA TRP B 35 33.11 -7.03 -7.41
C TRP B 35 33.53 -8.48 -7.55
N TYR B 36 34.26 -8.76 -8.63
CA TYR B 36 34.86 -10.08 -8.77
C TYR B 36 36.07 -9.97 -9.67
N GLN B 37 36.91 -11.01 -9.61
CA GLN B 37 38.20 -11.03 -10.26
C GLN B 37 38.30 -12.14 -11.29
N GLN B 38 38.80 -11.78 -12.46
CA GLN B 38 39.01 -12.66 -13.59
C GLN B 38 40.50 -12.91 -13.78
N LYS B 39 40.86 -14.18 -13.87
CA LYS B 39 42.23 -14.56 -14.15
C LYS B 39 42.30 -14.67 -15.67
N GLN B 40 43.48 -14.46 -16.24
CA GLN B 40 43.57 -14.51 -17.69
C GLN B 40 43.30 -15.93 -18.16
N GLY B 41 42.35 -16.08 -19.09
CA GLY B 41 42.02 -17.37 -19.66
C GLY B 41 41.05 -18.22 -18.85
N LYS B 42 40.54 -17.72 -17.73
CA LYS B 42 39.63 -18.45 -16.86
C LYS B 42 38.42 -17.58 -16.58
N SER B 43 37.33 -18.21 -16.14
CA SER B 43 36.16 -17.45 -15.80
C SER B 43 36.38 -16.70 -14.48
N PRO B 44 35.63 -15.60 -14.26
CA PRO B 44 35.73 -14.92 -12.96
C PRO B 44 35.24 -15.76 -11.79
N GLN B 45 35.81 -15.48 -10.63
CA GLN B 45 35.40 -16.06 -9.35
C GLN B 45 34.80 -14.95 -8.49
N LEU B 46 33.64 -15.21 -7.89
CA LEU B 46 33.00 -14.18 -7.07
C LEU B 46 33.90 -13.82 -5.90
N LEU B 47 34.12 -12.52 -5.71
CA LEU B 47 35.02 -12.03 -4.69
C LEU B 47 34.30 -11.45 -3.48
N VAL B 48 33.26 -10.64 -3.68
CA VAL B 48 32.46 -10.09 -2.60
C VAL B 48 30.99 -10.29 -2.92
N TYR B 49 30.16 -10.33 -1.87
CA TYR B 49 28.72 -10.43 -2.02
C TYR B 49 28.08 -9.08 -2.27
N ASN B 50 28.64 -8.05 -1.65
CA ASN B 50 28.17 -6.68 -1.78
C ASN B 50 29.38 -5.81 -1.51
N ALA B 51 29.19 -4.50 -1.59
CA ALA B 51 30.32 -3.59 -1.41
C ALA B 51 30.98 -3.78 -0.04
N LYS B 52 30.18 -4.09 0.98
CA LYS B 52 30.65 -4.21 2.36
C LYS B 52 30.79 -5.64 2.89
N THR B 53 30.56 -6.69 2.09
CA THR B 53 30.50 -8.06 2.62
C THR B 53 31.35 -9.09 1.87
N LEU B 54 32.11 -9.85 2.65
CA LEU B 54 32.95 -10.94 2.15
C LEU B 54 32.14 -12.08 1.56
N ALA B 55 32.58 -12.60 0.41
CA ALA B 55 31.98 -13.73 -0.26
C ALA B 55 32.84 -14.98 -0.22
N ASP B 56 32.18 -16.12 -0.10
CA ASP B 56 32.72 -17.47 -0.35
C ASP B 56 34.08 -17.72 0.28
N GLY B 57 34.37 -17.13 1.44
CA GLY B 57 35.61 -17.44 2.10
C GLY B 57 36.88 -16.88 1.50
N VAL B 58 36.81 -15.95 0.55
CA VAL B 58 38.03 -15.42 -0.08
C VAL B 58 38.82 -14.66 0.99
N PRO B 59 40.10 -14.36 0.77
CA PRO B 59 40.90 -13.72 1.82
C PRO B 59 40.31 -12.39 2.30
N SER B 60 40.48 -12.14 3.60
CA SER B 60 40.00 -10.92 4.24
C SER B 60 40.68 -9.66 3.71
N ARG B 61 41.73 -9.82 2.90
CA ARG B 61 42.41 -8.70 2.27
C ARG B 61 41.47 -7.89 1.39
N PHE B 62 40.43 -8.54 0.86
CA PHE B 62 39.52 -7.90 -0.09
C PHE B 62 38.36 -7.31 0.69
N SER B 63 38.13 -6.01 0.51
CA SER B 63 37.04 -5.34 1.19
C SER B 63 36.66 -4.15 0.33
N GLY B 64 35.56 -3.50 0.68
CA GLY B 64 35.19 -2.33 -0.10
C GLY B 64 34.21 -1.46 0.65
N SER B 65 33.85 -0.36 0.02
CA SER B 65 32.94 0.59 0.64
C SER B 65 32.34 1.48 -0.43
N GLY B 66 31.37 2.28 -0.04
CA GLY B 66 30.77 3.23 -0.95
C GLY B 66 29.31 3.48 -0.62
N SER B 67 28.76 4.45 -1.33
CA SER B 67 27.36 4.82 -1.16
C SER B 67 26.95 5.63 -2.39
N GLY B 68 25.64 5.79 -2.55
CA GLY B 68 25.15 6.65 -3.61
C GLY B 68 25.59 6.11 -4.96
N THR B 69 26.37 6.92 -5.65
CA THR B 69 26.90 6.60 -6.97
C THR B 69 28.39 6.31 -6.96
N GLN B 70 29.06 6.37 -5.81
CA GLN B 70 30.51 6.21 -5.71
C GLN B 70 30.85 5.01 -4.84
N TYR B 71 31.48 4.00 -5.44
CA TYR B 71 31.87 2.78 -4.74
C TYR B 71 33.32 2.47 -5.07
N SER B 72 33.99 1.78 -4.14
CA SER B 72 35.35 1.36 -4.40
C SER B 72 35.66 0.02 -3.73
N LEU B 73 36.62 -0.66 -4.33
CA LEU B 73 37.18 -1.91 -3.82
C LEU B 73 38.56 -1.59 -3.31
N LYS B 74 38.88 -2.05 -2.10
CA LYS B 74 40.17 -1.81 -1.51
C LYS B 74 40.82 -3.12 -1.06
N ILE B 75 42.11 -3.22 -1.37
CA ILE B 75 42.97 -4.32 -0.94
C ILE B 75 44.04 -3.72 -0.04
N ASN B 76 44.07 -4.15 1.22
CA ASN B 76 45.00 -3.56 2.18
C ASN B 76 46.46 -3.85 1.85
N SER B 77 46.76 -5.03 1.31
CA SER B 77 48.15 -5.40 1.02
C SER B 77 48.19 -6.54 0.02
N LEU B 78 48.70 -6.28 -1.18
CA LEU B 78 48.68 -7.29 -2.23
C LEU B 78 49.59 -8.46 -1.88
N GLN B 79 49.06 -9.67 -2.03
CA GLN B 79 49.76 -10.92 -1.87
C GLN B 79 49.92 -11.63 -3.21
N PRO B 80 50.82 -12.60 -3.32
CA PRO B 80 50.91 -13.39 -4.55
C PRO B 80 49.58 -14.03 -4.89
N GLU B 81 49.29 -14.08 -6.19
CA GLU B 81 48.11 -14.70 -6.81
C GLU B 81 46.89 -13.77 -6.82
N ASP B 82 47.01 -12.51 -6.40
CA ASP B 82 45.90 -11.57 -6.44
C ASP B 82 45.88 -10.66 -7.67
N PHE B 83 46.83 -10.79 -8.58
CA PHE B 83 46.91 -9.92 -9.75
C PHE B 83 45.98 -10.43 -10.86
N GLY B 84 45.48 -9.52 -11.69
CA GLY B 84 44.52 -9.90 -12.72
C GLY B 84 43.52 -8.81 -12.97
N SER B 85 42.38 -9.15 -13.60
CA SER B 85 41.38 -8.17 -13.99
C SER B 85 40.22 -8.11 -12.99
N TYR B 86 39.85 -6.89 -12.58
CA TYR B 86 38.75 -6.66 -11.65
C TYR B 86 37.55 -6.04 -12.37
N TYR B 87 36.36 -6.55 -12.06
CA TYR B 87 35.10 -6.07 -12.61
C TYR B 87 34.09 -5.80 -11.51
N CYS B 88 33.14 -4.89 -11.79
CA CYS B 88 32.05 -4.52 -10.88
C CYS B 88 30.71 -4.51 -11.62
N GLN B 89 29.65 -4.98 -10.93
CA GLN B 89 28.27 -4.98 -11.43
C GLN B 89 27.28 -4.55 -10.37
N HIS B 90 26.18 -3.92 -10.84
CA HIS B 90 25.08 -3.46 -9.99
C HIS B 90 23.79 -4.26 -10.22
N PHE B 91 23.09 -4.54 -9.11
CA PHE B 91 21.75 -5.15 -9.12
C PHE B 91 20.66 -4.09 -9.06
N TRP B 92 20.53 -3.28 -10.12
CA TRP B 92 19.50 -2.26 -10.13
C TRP B 92 18.60 -2.44 -11.35
N SER B 93 18.83 -1.74 -12.45
CA SER B 93 18.05 -1.96 -13.66
C SER B 93 18.44 -3.31 -14.25
N ALA B 94 17.46 -4.01 -14.85
CA ALA B 94 17.70 -5.36 -15.35
C ALA B 94 18.93 -5.48 -16.26
N PRO B 95 19.24 -4.55 -17.18
CA PRO B 95 20.44 -4.71 -17.99
C PRO B 95 21.69 -4.41 -17.15
N TYR B 96 22.21 -5.41 -16.44
CA TYR B 96 23.24 -5.19 -15.43
C TYR B 96 24.56 -4.87 -16.14
N THR B 97 24.65 -3.63 -16.63
CA THR B 97 25.79 -3.18 -17.40
C THR B 97 27.07 -3.26 -16.59
N PHE B 98 28.13 -3.72 -17.24
CA PHE B 98 29.44 -3.87 -16.63
C PHE B 98 30.26 -2.59 -16.66
N GLY B 99 31.09 -2.43 -15.64
CA GLY B 99 32.07 -1.38 -15.66
C GLY B 99 33.17 -1.70 -16.63
N GLY B 100 33.99 -0.70 -16.95
CA GLY B 100 35.06 -0.90 -17.92
C GLY B 100 36.04 -2.00 -17.52
N GLY B 101 36.30 -2.15 -16.24
CA GLY B 101 37.24 -3.16 -15.77
C GLY B 101 38.64 -2.59 -15.63
N THR B 102 39.41 -3.16 -14.70
CA THR B 102 40.78 -2.71 -14.51
C THR B 102 41.73 -3.90 -14.51
N ASN B 103 42.96 -3.67 -14.98
CA ASN B 103 44.02 -4.68 -15.03
C ASN B 103 45.04 -4.32 -13.96
N LEU B 104 45.14 -5.11 -12.89
CA LEU B 104 46.12 -4.86 -11.84
C LEU B 104 47.31 -5.78 -12.17
N GLU B 105 48.42 -5.15 -12.52
CA GLU B 105 49.68 -5.74 -12.99
C GLU B 105 50.72 -5.85 -11.87
N ILE B 106 51.69 -6.73 -12.10
CA ILE B 106 52.82 -6.92 -11.20
C ILE B 106 53.89 -5.92 -11.61
N LYS B 107 54.32 -5.08 -10.67
CA LYS B 107 55.40 -4.14 -10.97
C LYS B 107 56.03 -3.65 -9.67
N ASN C 4 11.97 17.60 -8.23
CA ASN C 4 10.72 18.03 -8.82
C ASN C 4 9.73 16.86 -8.95
N VAL C 5 9.14 16.48 -7.83
CA VAL C 5 8.15 15.40 -7.78
C VAL C 5 6.89 15.94 -7.12
N THR C 6 5.75 15.65 -7.71
CA THR C 6 4.45 16.07 -7.21
C THR C 6 3.48 14.90 -7.34
N GLN C 7 2.20 15.16 -7.09
CA GLN C 7 1.21 14.10 -7.20
C GLN C 7 0.87 13.80 -8.65
N GLU C 8 0.92 14.82 -9.50
CA GLU C 8 0.57 14.67 -10.90
C GLU C 8 1.49 13.66 -11.57
N ASP C 9 0.90 12.74 -12.32
CA ASP C 9 1.52 11.65 -13.07
C ASP C 9 2.10 10.56 -12.18
N ILE C 10 1.94 10.61 -10.86
CA ILE C 10 2.29 9.45 -10.06
C ILE C 10 1.20 8.41 -10.19
N ILE C 11 -0.05 8.89 -10.17
CA ILE C 11 -1.20 8.02 -10.29
C ILE C 11 -1.20 7.36 -11.66
N ARG C 12 -0.91 8.15 -12.70
CA ARG C 12 -0.84 7.59 -14.05
C ARG C 12 0.37 6.69 -14.20
N ALA C 13 1.49 7.05 -13.58
CA ALA C 13 2.69 6.22 -13.68
C ALA C 13 2.41 4.84 -13.11
N LEU C 14 1.64 4.77 -12.03
CA LEU C 14 1.32 3.48 -11.43
C LEU C 14 0.17 2.78 -12.13
N ALA C 15 -0.72 3.55 -12.78
CA ALA C 15 -1.83 2.96 -13.52
C ALA C 15 -1.38 2.37 -14.85
N SER C 16 -0.30 2.91 -15.44
CA SER C 16 0.22 2.47 -16.73
C SER C 16 0.33 0.96 -16.88
N PRO C 17 0.96 0.20 -15.97
CA PRO C 17 1.01 -1.25 -16.17
C PRO C 17 -0.36 -1.92 -16.08
N LEU C 18 -1.35 -1.28 -15.45
CA LEU C 18 -2.67 -1.91 -15.38
C LEU C 18 -3.41 -1.75 -16.70
N ILE C 19 -3.31 -0.57 -17.33
CA ILE C 19 -3.96 -0.38 -18.61
C ILE C 19 -3.21 -1.14 -19.68
N LYS C 20 -1.88 -1.19 -19.57
CA LYS C 20 -1.07 -1.97 -20.51
C LYS C 20 -1.44 -3.44 -20.45
N ASP C 21 -1.57 -3.98 -19.23
CA ASP C 21 -1.97 -5.37 -19.09
C ASP C 21 -3.45 -5.55 -19.42
N GLY C 22 -4.25 -4.51 -19.19
CA GLY C 22 -5.67 -4.56 -19.43
C GLY C 22 -6.49 -4.91 -18.22
N MET C 23 -5.99 -4.65 -17.01
CA MET C 23 -6.69 -4.96 -15.77
C MET C 23 -7.67 -3.88 -15.37
N VAL C 24 -7.67 -2.73 -16.05
CA VAL C 24 -8.56 -1.61 -15.75
C VAL C 24 -9.19 -1.12 -17.05
N ASP C 25 -10.28 -0.37 -16.90
CA ASP C 25 -10.97 0.24 -18.03
C ASP C 25 -10.48 1.67 -18.28
N GLU C 26 -9.96 1.90 -19.48
CA GLU C 26 -9.52 3.19 -20.01
C GLU C 26 -8.73 4.03 -19.01
N ASP C 27 -9.22 5.24 -18.67
CA ASP C 27 -8.45 6.18 -17.84
C ASP C 27 -8.68 5.91 -16.36
N PHE C 28 -8.06 4.83 -15.89
CA PHE C 28 -8.14 4.47 -14.48
C PHE C 28 -7.57 5.57 -13.60
N ALA C 29 -6.43 6.13 -14.02
CA ALA C 29 -5.73 7.15 -13.24
C ALA C 29 -6.60 8.37 -12.96
N GLU C 30 -7.40 8.80 -13.93
CA GLU C 30 -8.24 9.96 -13.69
C GLU C 30 -9.30 9.68 -12.63
N LYS C 31 -9.87 8.48 -12.63
CA LYS C 31 -10.87 8.14 -11.64
C LYS C 31 -10.22 8.09 -10.26
N VAL C 32 -8.99 7.61 -10.21
CA VAL C 32 -8.25 7.60 -8.94
C VAL C 32 -8.01 9.02 -8.48
N ILE C 33 -7.61 9.91 -9.39
CA ILE C 33 -7.36 11.30 -9.01
C ILE C 33 -8.65 11.94 -8.50
N GLU C 34 -9.80 11.65 -9.12
CA GLU C 34 -11.06 12.21 -8.63
C GLU C 34 -11.29 11.79 -7.18
N ASN C 35 -11.01 10.53 -6.85
CA ASN C 35 -11.15 10.14 -5.45
C ASN C 35 -10.09 10.82 -4.60
N GLU C 36 -8.91 11.09 -5.16
CA GLU C 36 -7.87 11.78 -4.42
C GLU C 36 -8.28 13.21 -4.12
N SER C 37 -8.98 13.83 -5.06
CA SER C 37 -9.46 15.19 -4.89
C SER C 37 -10.50 15.26 -3.78
N ARG C 38 -11.45 14.30 -3.76
CA ARG C 38 -12.49 14.42 -2.75
C ARG C 38 -12.12 13.87 -1.39
N TYR C 39 -11.20 12.89 -1.31
CA TYR C 39 -10.98 12.20 -0.04
C TYR C 39 -9.53 12.24 0.47
N PRO C 40 -9.31 12.13 1.82
CA PRO C 40 -7.95 12.03 2.41
C PRO C 40 -7.33 10.64 2.30
N SER C 41 -6.95 10.24 1.08
CA SER C 41 -6.45 8.88 0.86
C SER C 41 -5.10 8.62 1.52
N GLY C 42 -4.42 9.65 2.01
CA GLY C 42 -3.08 9.48 2.54
C GLY C 42 -2.96 8.51 3.71
N LEU C 43 -3.54 8.79 4.87
CA LEU C 43 -3.41 7.88 6.02
C LEU C 43 -1.94 7.69 6.39
N GLN C 44 -1.18 8.77 6.34
CA GLN C 44 0.27 8.71 6.59
C GLN C 44 0.60 8.04 7.92
N ALA C 45 0.00 8.54 9.01
CA ALA C 45 0.02 7.91 10.34
C ALA C 45 1.42 7.48 10.82
N LYS C 46 2.50 8.02 10.27
CA LYS C 46 3.83 7.58 10.69
C LYS C 46 4.86 8.58 10.18
N GLY C 47 6.06 8.52 10.76
CA GLY C 47 7.14 9.37 10.30
C GLY C 47 7.45 9.17 8.82
N VAL C 48 7.32 7.93 8.35
CA VAL C 48 7.50 7.58 6.94
C VAL C 48 6.10 7.51 6.33
N GLY C 49 5.77 8.48 5.49
CA GLY C 49 4.40 8.58 5.02
C GLY C 49 4.01 7.42 4.12
N PHE C 50 2.82 6.92 4.37
CA PHE C 50 2.13 5.84 3.69
C PHE C 50 0.90 6.37 2.94
N ALA C 51 0.58 5.81 1.76
CA ALA C 51 -0.62 6.21 1.02
C ALA C 51 -1.34 5.05 0.35
N ILE C 52 -2.67 5.19 0.18
CA ILE C 52 -3.50 4.20 -0.51
C ILE C 52 -4.42 4.88 -1.54
N PRO C 53 -3.91 5.50 -2.60
CA PRO C 53 -4.83 5.99 -3.64
C PRO C 53 -5.63 4.81 -4.18
N HIS C 54 -6.94 4.98 -4.36
CA HIS C 54 -7.71 3.84 -4.86
C HIS C 54 -9.07 4.28 -5.40
N VAL C 55 -9.70 3.35 -6.13
CA VAL C 55 -11.08 3.40 -6.57
C VAL C 55 -11.75 2.10 -6.14
N LEU C 56 -12.98 2.19 -5.65
CA LEU C 56 -13.74 1.04 -5.18
C LEU C 56 -14.99 0.77 -6.02
N GLY C 57 -15.07 1.33 -7.22
CA GLY C 57 -16.21 1.11 -8.09
C GLY C 57 -15.92 0.02 -9.09
N ASP C 58 -16.58 0.12 -10.24
CA ASP C 58 -16.39 -0.82 -11.33
C ASP C 58 -15.28 -0.22 -12.18
N TYR C 59 -15.35 -0.30 -13.51
CA TYR C 59 -14.26 0.16 -14.39
C TYR C 59 -12.98 -0.63 -14.13
N VAL C 60 -13.12 -1.84 -13.59
CA VAL C 60 -12.04 -2.74 -13.24
C VAL C 60 -12.39 -4.12 -13.81
N ARG C 61 -11.41 -4.78 -14.43
CA ARG C 61 -11.63 -6.12 -14.95
C ARG C 61 -11.29 -7.19 -13.93
N ASP C 62 -10.26 -6.96 -13.11
CA ASP C 62 -9.97 -7.85 -11.99
C ASP C 62 -9.20 -7.07 -10.95
N ASN C 63 -8.97 -7.71 -9.81
CA ASN C 63 -8.32 -7.06 -8.68
C ASN C 63 -6.81 -7.09 -8.81
N ALA C 64 -6.17 -5.96 -8.49
CA ALA C 64 -4.72 -5.86 -8.55
C ALA C 64 -4.17 -4.84 -7.55
N ILE C 65 -2.92 -5.06 -7.16
CA ILE C 65 -2.15 -4.18 -6.29
C ILE C 65 -0.96 -3.68 -7.10
N SER C 66 -0.76 -2.36 -7.13
CA SER C 66 0.35 -1.74 -7.83
C SER C 66 1.05 -0.83 -6.85
N VAL C 67 2.35 -1.05 -6.62
CA VAL C 67 3.07 -0.36 -5.55
C VAL C 67 4.13 0.50 -6.17
N GLY C 68 4.04 1.81 -5.91
CA GLY C 68 5.00 2.79 -6.39
C GLY C 68 5.87 3.18 -5.22
N ILE C 69 7.15 3.43 -5.51
CA ILE C 69 8.09 3.84 -4.48
C ILE C 69 8.58 5.22 -4.85
N LEU C 70 8.52 6.15 -3.90
CA LEU C 70 8.97 7.52 -4.12
C LEU C 70 10.13 7.84 -3.18
N ASP C 71 11.28 8.15 -3.78
CA ASP C 71 12.48 8.47 -3.00
C ASP C 71 12.40 9.86 -2.40
N LYS C 72 11.70 10.79 -3.07
CA LYS C 72 11.50 12.16 -2.60
C LYS C 72 10.02 12.35 -2.27
N PRO C 73 9.65 12.77 -1.06
CA PRO C 73 8.23 12.73 -0.67
C PRO C 73 7.36 13.71 -1.43
N VAL C 74 6.05 13.39 -1.47
CA VAL C 74 5.03 14.29 -1.98
C VAL C 74 3.86 14.27 -1.00
N ASN C 75 3.54 15.40 -0.39
CA ASN C 75 2.50 15.32 0.63
C ASN C 75 1.12 15.00 0.06
N PHE C 76 0.36 14.24 0.85
CA PHE C 76 -1.04 13.91 0.58
C PHE C 76 -1.84 14.32 1.81
N SER C 77 -3.14 14.59 1.59
CA SER C 77 -3.99 14.94 2.71
C SER C 77 -4.04 13.81 3.73
N GLU C 78 -3.96 14.18 5.01
CA GLU C 78 -4.04 13.23 6.11
C GLU C 78 -5.48 12.85 6.39
N TRP C 79 -5.68 11.70 7.01
CA TRP C 79 -7.01 11.24 7.38
C TRP C 79 -7.35 11.76 8.77
N TYR C 80 -8.59 11.52 9.23
CA TYR C 80 -9.09 11.94 10.52
C TYR C 80 -9.30 13.45 10.47
N GLN C 81 -8.22 14.23 10.39
CA GLN C 81 -8.31 15.67 10.19
C GLN C 81 -7.63 16.05 8.88
N SER C 82 -8.45 16.21 7.84
CA SER C 82 -7.95 16.47 6.49
C SER C 82 -7.16 17.75 6.23
N PRO C 83 -7.30 18.88 6.96
CA PRO C 83 -6.54 20.07 6.55
C PRO C 83 -5.01 19.96 6.54
N ASP C 84 -4.41 19.02 7.28
CA ASP C 84 -2.95 18.98 7.34
C ASP C 84 -2.36 18.00 6.32
N PRO C 85 -1.59 18.47 5.33
CA PRO C 85 -0.90 17.55 4.43
C PRO C 85 0.31 16.93 5.11
N VAL C 86 0.63 15.69 4.74
CA VAL C 86 1.81 15.00 5.29
C VAL C 86 2.57 14.33 4.14
N PRO C 87 3.91 14.45 4.08
CA PRO C 87 4.68 13.82 2.99
C PRO C 87 4.61 12.31 2.96
N VAL C 88 4.49 11.73 1.75
CA VAL C 88 4.45 10.28 1.56
C VAL C 88 5.60 9.87 0.66
N ARG C 89 6.23 8.75 1.02
CA ARG C 89 7.31 8.11 0.28
C ARG C 89 6.90 6.83 -0.45
N VAL C 90 5.96 6.07 0.08
CA VAL C 90 5.53 4.78 -0.48
C VAL C 90 4.04 4.84 -0.79
N VAL C 91 3.67 4.59 -2.05
CA VAL C 91 2.29 4.71 -2.52
C VAL C 91 1.78 3.33 -2.93
N PHE C 92 0.69 2.86 -2.30
CA PHE C 92 0.09 1.57 -2.62
C PHE C 92 -1.23 1.80 -3.37
N MET C 93 -1.24 1.64 -4.69
CA MET C 93 -2.45 1.83 -5.47
C MET C 93 -3.21 0.51 -5.51
N LEU C 94 -4.51 0.57 -5.24
CA LEU C 94 -5.35 -0.62 -5.21
C LEU C 94 -6.50 -0.52 -6.20
N ALA C 95 -6.60 -1.51 -7.09
CA ALA C 95 -7.72 -1.66 -8.02
C ALA C 95 -8.53 -2.84 -7.48
N ILE C 96 -9.58 -2.56 -6.69
CA ILE C 96 -10.30 -3.62 -5.98
C ILE C 96 -11.79 -3.52 -6.25
N ARG C 97 -12.40 -4.67 -6.54
CA ARG C 97 -13.84 -4.86 -6.71
C ARG C 97 -14.39 -5.76 -5.61
N THR C 98 -15.71 -5.66 -5.40
CA THR C 98 -16.54 -6.52 -4.54
C THR C 98 -16.48 -6.19 -3.05
N TRP C 99 -15.68 -5.19 -2.64
CA TRP C 99 -15.60 -4.71 -1.26
C TRP C 99 -14.87 -5.64 -0.30
N ASP C 100 -15.15 -6.95 -0.30
CA ASP C 100 -14.48 -7.83 0.65
C ASP C 100 -12.97 -7.76 0.52
N ASP C 101 -12.50 -7.61 -0.72
CA ASP C 101 -11.07 -7.51 -0.95
C ASP C 101 -10.50 -6.16 -0.52
N ILE C 102 -11.29 -5.09 -0.39
CA ILE C 102 -10.66 -3.85 0.05
C ILE C 102 -10.32 -3.96 1.53
N THR C 103 -11.19 -4.59 2.31
CA THR C 103 -10.90 -4.82 3.72
C THR C 103 -9.74 -5.78 3.86
N ASN C 104 -9.73 -6.84 3.06
CA ASN C 104 -8.67 -7.83 3.17
C ASN C 104 -7.32 -7.20 2.83
N VAL C 105 -7.32 -6.32 1.82
CA VAL C 105 -6.09 -5.65 1.41
C VAL C 105 -5.65 -4.66 2.49
N MET C 106 -6.57 -3.87 3.03
CA MET C 106 -6.16 -2.96 4.10
C MET C 106 -5.62 -3.72 5.30
N ASN C 107 -6.19 -4.87 5.64
CA ASN C 107 -5.65 -5.59 6.79
C ASN C 107 -4.24 -6.09 6.50
N TRP C 108 -4.00 -6.57 5.28
CA TRP C 108 -2.64 -6.96 4.90
C TRP C 108 -1.71 -5.76 4.94
N ILE C 109 -2.16 -4.62 4.41
CA ILE C 109 -1.33 -3.43 4.38
C ILE C 109 -1.01 -3.00 5.81
N LYS C 110 -1.99 -3.06 6.70
CA LYS C 110 -1.72 -2.76 8.11
C LYS C 110 -0.64 -3.69 8.65
N ASP C 111 -0.64 -4.95 8.20
CA ASP C 111 0.41 -5.87 8.64
C ASP C 111 1.72 -5.66 7.87
N VAL C 112 1.74 -4.71 6.94
CA VAL C 112 2.93 -4.32 6.20
C VAL C 112 3.55 -3.04 6.75
N VAL C 113 2.72 -2.04 7.04
CA VAL C 113 3.20 -0.77 7.58
C VAL C 113 3.67 -0.96 9.01
N LEU C 114 2.94 -1.73 9.80
CA LEU C 114 3.36 -2.03 11.16
C LEU C 114 4.51 -3.02 11.09
N ASP C 115 5.35 -3.00 12.12
CA ASP C 115 6.59 -3.77 12.21
C ASP C 115 7.58 -3.10 11.26
N GLU C 116 8.21 -2.03 11.79
CA GLU C 116 9.04 -1.12 11.00
C GLU C 116 10.18 -1.82 10.27
N GLU C 117 10.64 -2.98 10.74
CA GLU C 117 11.77 -3.65 10.07
C GLU C 117 11.49 -3.90 8.60
N PHE C 118 10.23 -4.11 8.22
CA PHE C 118 9.92 -4.22 6.81
C PHE C 118 9.84 -2.83 6.19
N MET C 119 9.19 -1.90 6.90
CA MET C 119 9.00 -0.56 6.36
C MET C 119 10.36 0.09 6.15
N LYS C 120 11.30 -0.17 7.04
CA LYS C 120 12.68 0.28 6.90
C LYS C 120 13.36 -0.42 5.73
N ARG C 121 14.24 0.31 5.04
CA ARG C 121 15.07 -0.16 3.93
C ARG C 121 14.24 -0.29 2.66
N LEU C 122 12.95 0.00 2.70
CA LEU C 122 12.13 -0.13 1.52
C LEU C 122 12.61 0.82 0.41
N LEU C 123 13.22 1.96 0.76
CA LEU C 123 13.69 2.92 -0.23
C LEU C 123 15.08 2.61 -0.79
N ASN C 124 15.72 1.53 -0.34
CA ASN C 124 17.06 1.16 -0.80
C ASN C 124 17.07 -0.28 -1.32
N MET C 125 15.95 -0.69 -1.92
CA MET C 125 15.81 -2.02 -2.53
C MET C 125 15.41 -1.85 -3.99
N SER C 126 15.94 -2.73 -4.84
CA SER C 126 15.67 -2.73 -6.27
C SER C 126 14.25 -3.20 -6.56
N ASP C 127 13.82 -2.96 -7.79
CA ASP C 127 12.49 -3.37 -8.22
C ASP C 127 12.31 -4.88 -8.03
N GLU C 128 13.38 -5.65 -8.27
CA GLU C 128 13.28 -7.10 -8.12
C GLU C 128 13.12 -7.48 -6.66
N GLU C 129 13.87 -6.84 -5.75
CA GLU C 129 13.76 -7.21 -4.35
C GLU C 129 12.40 -6.81 -3.79
N ILE C 130 11.89 -5.65 -4.20
CA ILE C 130 10.58 -5.22 -3.73
C ILE C 130 9.51 -6.17 -4.25
N TYR C 131 9.60 -6.54 -5.53
CA TYR C 131 8.69 -7.53 -6.08
C TYR C 131 8.72 -8.81 -5.28
N ARG C 132 9.92 -9.34 -5.03
CA ARG C 132 10.03 -10.60 -4.29
C ARG C 132 9.42 -10.50 -2.91
N GLN C 133 9.67 -9.39 -2.21
CA GLN C 133 9.16 -9.25 -0.84
C GLN C 133 7.65 -9.11 -0.82
N ILE C 134 7.09 -8.30 -1.73
CA ILE C 134 5.65 -8.09 -1.73
C ILE C 134 4.94 -9.35 -2.19
N TYR C 135 5.45 -9.98 -3.26
CA TYR C 135 4.88 -11.24 -3.74
C TYR C 135 4.85 -12.27 -2.62
N THR C 136 5.98 -12.43 -1.92
CA THR C 136 6.03 -13.41 -0.84
C THR C 136 5.03 -13.09 0.26
N ARG C 137 4.96 -11.82 0.67
CA ARG C 137 4.03 -11.46 1.74
C ARG C 137 2.57 -11.60 1.33
N ILE C 138 2.28 -11.45 0.04
CA ILE C 138 0.90 -11.67 -0.42
C ILE C 138 0.60 -13.15 -0.47
N SER C 139 1.52 -13.94 -1.05
CA SER C 139 1.27 -15.37 -1.19
C SER C 139 1.16 -16.05 0.17
N LYS C 140 1.83 -15.52 1.19
CA LYS C 140 1.73 -16.08 2.53
C LYS C 140 0.54 -15.55 3.31
N ALA C 141 -0.21 -14.61 2.76
CA ALA C 141 -1.36 -14.09 3.46
C ALA C 141 -2.44 -15.18 3.50
N PRO C 142 -3.32 -15.17 4.51
CA PRO C 142 -4.43 -16.13 4.49
C PRO C 142 -5.46 -15.83 3.42
N ASN C 143 -5.42 -14.65 2.82
CA ASN C 143 -6.39 -14.17 1.85
C ASN C 143 -5.60 -13.43 0.77
N LEU C 144 -6.29 -12.71 -0.11
CA LEU C 144 -5.72 -11.99 -1.25
C LEU C 144 -5.26 -12.90 -2.38
N SER C 145 -5.64 -14.17 -2.37
CA SER C 145 -5.33 -15.03 -3.52
C SER C 145 -6.14 -14.55 -4.71
N GLY C 146 -5.52 -14.57 -5.89
CA GLY C 146 -6.19 -14.15 -7.11
C GLY C 146 -5.94 -12.72 -7.52
N ILE C 147 -5.32 -11.92 -6.65
CA ILE C 147 -5.01 -10.52 -6.95
C ILE C 147 -3.69 -10.49 -7.71
N ASN C 148 -3.64 -9.77 -8.82
CA ASN C 148 -2.47 -9.76 -9.67
C ASN C 148 -1.37 -8.86 -9.12
N PHE C 149 -0.14 -9.34 -9.24
CA PHE C 149 1.05 -8.58 -8.87
C PHE C 149 2.21 -9.10 -9.72
N SER C 150 3.00 -8.20 -10.29
CA SER C 150 4.09 -8.60 -11.17
C SER C 150 5.20 -7.55 -11.13
N ARG C 151 6.25 -7.79 -11.90
CA ARG C 151 7.38 -6.87 -11.93
C ARG C 151 7.00 -5.53 -12.56
N GLU C 152 6.09 -5.53 -13.52
CA GLU C 152 5.70 -4.29 -14.18
C GLU C 152 4.90 -3.37 -13.26
N TYR C 153 4.50 -3.84 -12.07
CA TYR C 153 3.70 -3.05 -11.14
C TYR C 153 4.54 -2.48 -10.01
N VAL C 154 5.87 -2.56 -10.10
CA VAL C 154 6.79 -2.03 -9.11
C VAL C 154 7.69 -1.01 -9.78
N ARG C 155 7.73 0.21 -9.25
CA ARG C 155 8.58 1.30 -9.74
C ARG C 155 9.36 1.88 -8.57
N HIS C 156 10.65 1.56 -8.47
CA HIS C 156 11.44 2.12 -7.37
C HIS C 156 11.42 3.64 -7.42
N LEU C 157 11.51 4.21 -8.62
CA LEU C 157 11.43 5.64 -8.83
C LEU C 157 10.16 5.93 -9.62
N ASN C 158 9.42 6.94 -9.17
CA ASN C 158 8.17 7.38 -9.82
C ASN C 158 7.08 6.35 -9.59
N GLN D 1 -32.78 20.04 -0.44
CA GLN D 1 -32.63 19.34 -1.74
C GLN D 1 -32.26 17.87 -1.55
N VAL D 2 -31.67 17.55 -0.41
CA VAL D 2 -31.24 16.20 -0.05
C VAL D 2 -31.95 15.80 1.24
N GLN D 3 -32.89 14.86 1.16
CA GLN D 3 -33.79 14.56 2.26
C GLN D 3 -33.99 13.07 2.49
N LEU D 4 -34.32 12.75 3.73
CA LEU D 4 -34.77 11.44 4.19
C LEU D 4 -36.20 11.62 4.70
N LYS D 5 -37.16 10.97 4.05
CA LYS D 5 -38.58 11.08 4.42
C LYS D 5 -39.04 9.75 4.98
N GLN D 6 -39.71 9.78 6.14
CA GLN D 6 -40.14 8.55 6.81
C GLN D 6 -41.65 8.45 6.84
N SER D 7 -42.15 7.22 6.65
CA SER D 7 -43.57 6.96 6.74
C SER D 7 -43.81 5.54 7.23
N GLY D 8 -44.82 5.38 8.08
CA GLY D 8 -45.18 4.09 8.61
C GLY D 8 -46.39 4.18 9.52
N PRO D 9 -46.89 3.03 9.97
CA PRO D 9 -48.08 3.03 10.81
C PRO D 9 -47.79 3.44 12.24
N GLY D 10 -48.81 4.01 12.88
CA GLY D 10 -48.82 4.23 14.31
C GLY D 10 -49.97 3.45 14.90
N LEU D 11 -50.23 3.65 16.20
CA LEU D 11 -51.33 2.98 16.90
C LEU D 11 -51.31 1.48 16.68
N VAL D 12 -50.12 0.88 16.70
CA VAL D 12 -49.95 -0.54 16.41
C VAL D 12 -49.88 -1.32 17.71
N GLN D 13 -50.86 -2.19 17.92
CA GLN D 13 -50.94 -3.04 19.10
C GLN D 13 -50.08 -4.28 18.90
N PRO D 14 -49.74 -5.00 19.99
CA PRO D 14 -48.82 -6.15 19.88
C PRO D 14 -49.23 -7.23 18.87
N SER D 15 -50.50 -7.26 18.47
CA SER D 15 -50.96 -8.25 17.51
C SER D 15 -50.58 -7.91 16.08
N GLN D 16 -50.11 -6.70 15.81
CA GLN D 16 -49.76 -6.24 14.47
C GLN D 16 -48.30 -5.81 14.46
N SER D 17 -47.60 -6.15 13.38
CA SER D 17 -46.20 -5.78 13.26
C SER D 17 -46.05 -4.31 12.89
N LEU D 18 -44.85 -3.80 13.12
CA LEU D 18 -44.47 -2.43 12.76
C LEU D 18 -43.60 -2.49 11.52
N SER D 19 -43.90 -1.66 10.52
CA SER D 19 -43.09 -1.56 9.30
C SER D 19 -42.97 -0.11 8.88
N ILE D 20 -41.74 0.43 8.88
CA ILE D 20 -41.49 1.83 8.57
C ILE D 20 -40.56 1.91 7.36
N THR D 21 -40.96 2.71 6.36
CA THR D 21 -40.18 2.92 5.15
C THR D 21 -39.63 4.34 5.11
N CYS D 22 -38.31 4.44 4.90
CA CYS D 22 -37.59 5.71 4.76
C CYS D 22 -37.18 5.85 3.30
N THR D 23 -37.78 6.84 2.63
CA THR D 23 -37.50 7.12 1.24
C THR D 23 -36.35 8.10 1.23
N VAL D 24 -35.32 7.79 0.45
CA VAL D 24 -34.06 8.54 0.43
C VAL D 24 -33.95 9.22 -0.92
N SER D 25 -33.77 10.54 -0.92
CA SER D 25 -33.68 11.29 -2.16
C SER D 25 -32.57 12.31 -2.01
N GLY D 26 -31.58 12.25 -2.89
CA GLY D 26 -30.43 13.13 -2.83
C GLY D 26 -29.23 12.53 -2.15
N PHE D 27 -29.40 11.40 -1.46
CA PHE D 27 -28.35 10.66 -0.78
C PHE D 27 -28.39 9.24 -1.33
N SER D 28 -27.69 9.02 -2.46
CA SER D 28 -27.80 7.77 -3.20
C SER D 28 -27.55 6.57 -2.31
N LEU D 29 -28.31 5.50 -2.54
CA LEU D 29 -28.20 4.25 -1.79
C LEU D 29 -27.07 3.35 -2.28
N THR D 30 -26.19 3.85 -3.14
CA THR D 30 -24.98 3.15 -3.56
C THR D 30 -23.72 3.81 -3.00
N SER D 31 -23.87 4.82 -2.14
CA SER D 31 -22.72 5.55 -1.61
C SER D 31 -22.82 5.84 -0.11
N TYR D 32 -23.97 6.36 0.35
CA TYR D 32 -24.11 6.85 1.71
C TYR D 32 -24.75 5.78 2.59
N GLY D 33 -24.45 5.82 3.91
CA GLY D 33 -25.07 4.88 4.81
C GLY D 33 -26.40 5.38 5.37
N VAL D 34 -27.24 4.46 5.88
CA VAL D 34 -28.48 4.82 6.56
C VAL D 34 -28.58 4.04 7.87
N HIS D 35 -28.73 4.78 8.97
CA HIS D 35 -28.81 4.26 10.32
C HIS D 35 -30.17 4.56 10.94
N TRP D 36 -30.60 3.73 11.90
CA TRP D 36 -31.86 3.92 12.59
C TRP D 36 -31.68 3.99 14.10
N VAL D 37 -32.40 4.93 14.73
CA VAL D 37 -32.36 5.13 16.18
C VAL D 37 -33.75 5.35 16.77
N ARG D 38 -33.98 4.75 17.95
CA ARG D 38 -35.20 4.91 18.73
C ARG D 38 -35.04 6.02 19.78
N GLN D 39 -36.08 6.91 19.93
CA GLN D 39 -36.11 8.02 20.89
C GLN D 39 -37.42 8.14 21.75
N SER D 40 -37.52 7.36 22.82
CA SER D 40 -38.72 7.41 23.70
C SER D 40 -38.62 8.63 24.63
N PRO D 41 -39.74 9.23 25.06
CA PRO D 41 -39.70 10.34 26.02
C PRO D 41 -39.09 9.85 27.34
N GLY D 42 -39.44 8.63 27.76
CA GLY D 42 -38.93 8.08 29.03
C GLY D 42 -37.66 7.31 29.32
N LYS D 43 -37.11 6.62 28.32
CA LYS D 43 -35.73 6.18 28.29
C LYS D 43 -35.01 7.10 27.30
N GLY D 44 -33.68 7.03 27.25
CA GLY D 44 -32.94 7.87 26.34
C GLY D 44 -32.98 7.25 24.96
N LEU D 45 -32.08 7.72 24.11
CA LEU D 45 -32.03 7.22 22.75
C LEU D 45 -31.31 5.88 22.74
N GLU D 46 -31.66 5.03 21.77
CA GLU D 46 -30.95 3.78 21.61
C GLU D 46 -30.74 3.42 20.14
N TRP D 47 -29.63 2.72 19.93
CA TRP D 47 -29.19 2.24 18.63
C TRP D 47 -29.89 0.96 18.20
N LEU D 48 -30.37 0.96 16.97
CA LEU D 48 -30.99 -0.19 16.34
C LEU D 48 -29.99 -0.78 15.36
N GLY D 49 -30.08 -2.08 15.10
CA GLY D 49 -29.16 -2.68 14.15
C GLY D 49 -29.42 -2.11 12.76
N VAL D 50 -28.34 -1.91 12.00
CA VAL D 50 -28.45 -1.31 10.67
C VAL D 50 -27.69 -2.12 9.62
N ILE D 51 -28.06 -1.89 8.37
CA ILE D 51 -27.31 -2.38 7.23
C ILE D 51 -26.70 -1.13 6.63
N TRP D 52 -25.45 -1.20 6.17
CA TRP D 52 -24.90 -0.03 5.49
C TRP D 52 -25.58 0.12 4.14
N SER D 53 -26.00 1.34 3.85
CA SER D 53 -26.76 1.62 2.65
C SER D 53 -25.89 2.01 1.48
N GLY D 54 -24.58 1.86 1.60
CA GLY D 54 -23.68 2.09 0.49
C GLY D 54 -23.52 0.81 -0.32
N GLY D 55 -24.31 -0.22 0.00
CA GLY D 55 -24.32 -1.54 -0.58
C GLY D 55 -24.73 -2.48 0.54
N SER D 56 -25.66 -3.40 0.30
CA SER D 56 -26.25 -4.20 1.38
C SER D 56 -25.17 -5.11 1.94
N THR D 57 -24.28 -4.53 2.74
CA THR D 57 -23.11 -5.22 3.26
C THR D 57 -23.08 -5.41 4.77
N ASP D 58 -22.78 -6.64 5.19
CA ASP D 58 -22.50 -7.02 6.58
C ASP D 58 -23.42 -6.44 7.67
N TYR D 59 -24.71 -6.79 7.64
CA TYR D 59 -25.64 -6.43 8.71
C TYR D 59 -24.99 -6.60 10.09
N ASN D 60 -24.98 -5.51 10.88
CA ASN D 60 -24.41 -5.54 12.24
C ASN D 60 -25.55 -5.57 13.25
N ALA D 61 -25.84 -6.75 13.79
CA ALA D 61 -26.89 -6.83 14.79
C ALA D 61 -26.44 -6.08 16.03
N ALA D 62 -27.38 -5.38 16.66
CA ALA D 62 -27.12 -4.63 17.88
C ALA D 62 -28.02 -5.11 19.00
N PHE D 63 -27.44 -5.18 20.21
CA PHE D 63 -28.20 -5.56 21.40
C PHE D 63 -28.91 -6.89 21.21
N ILE D 64 -28.14 -7.99 21.28
CA ILE D 64 -28.72 -9.31 21.01
C ILE D 64 -29.86 -9.58 21.98
N SER D 65 -29.72 -9.15 23.24
CA SER D 65 -30.79 -9.31 24.21
C SER D 65 -32.01 -8.47 23.84
N ARG D 66 -31.86 -7.50 22.95
CA ARG D 66 -32.92 -6.63 22.46
C ARG D 66 -33.21 -6.88 20.98
N LEU D 67 -32.61 -7.91 20.39
CA LEU D 67 -32.75 -8.18 18.97
C LEU D 67 -34.06 -8.91 18.71
N SER D 68 -34.81 -8.42 17.73
CA SER D 68 -36.07 -9.06 17.36
C SER D 68 -35.80 -10.19 16.36
N ILE D 69 -36.76 -11.07 16.26
CA ILE D 69 -36.70 -12.20 15.32
C ILE D 69 -37.10 -11.72 13.93
N SER D 70 -36.40 -12.20 12.91
CA SER D 70 -36.69 -11.88 11.52
C SER D 70 -36.72 -10.37 11.25
N LYS D 71 -35.67 -9.68 11.70
CA LYS D 71 -35.51 -8.26 11.46
C LYS D 71 -34.73 -8.15 10.16
N ASP D 72 -35.42 -7.79 9.08
CA ASP D 72 -34.82 -7.92 7.75
C ASP D 72 -34.03 -6.71 7.28
N ASN D 73 -34.39 -5.49 7.68
CA ASN D 73 -33.67 -4.30 7.24
C ASN D 73 -33.52 -4.27 5.72
N SER D 74 -34.62 -4.53 5.03
CA SER D 74 -34.59 -4.63 3.57
C SER D 74 -34.22 -3.31 2.94
N LYS D 75 -33.31 -3.38 1.96
CA LYS D 75 -32.81 -2.21 1.24
C LYS D 75 -33.12 -2.38 -0.24
N SER D 76 -33.79 -1.38 -0.80
CA SER D 76 -34.09 -1.31 -2.22
C SER D 76 -33.26 -0.18 -2.82
N GLN D 77 -33.38 0.02 -4.14
CA GLN D 77 -32.67 1.13 -4.76
C GLN D 77 -33.39 2.46 -4.56
N VAL D 78 -34.63 2.44 -4.07
CA VAL D 78 -35.43 3.64 -3.90
C VAL D 78 -35.59 4.00 -2.42
N PHE D 79 -35.85 3.01 -1.57
CA PHE D 79 -36.16 3.24 -0.17
C PHE D 79 -35.58 2.10 0.67
N PHE D 80 -35.49 2.35 1.98
CA PHE D 80 -35.11 1.34 2.95
C PHE D 80 -36.28 1.12 3.90
N LYS D 81 -36.57 -0.13 4.25
CA LYS D 81 -37.65 -0.42 5.20
C LYS D 81 -37.22 -1.31 6.35
N MET D 82 -37.70 -0.96 7.54
CA MET D 82 -37.44 -1.64 8.81
C MET D 82 -38.74 -2.32 9.21
N ASN D 83 -38.65 -3.50 9.84
CA ASN D 83 -39.83 -4.12 10.40
C ASN D 83 -39.48 -4.78 11.72
N SER D 84 -40.49 -4.89 12.58
CA SER D 84 -40.39 -5.61 13.85
C SER D 84 -41.74 -6.23 14.19
N LEU D 85 -41.74 -7.52 14.48
CA LEU D 85 -42.98 -8.24 14.71
C LEU D 85 -43.71 -7.83 15.99
N GLN D 86 -43.00 -7.41 17.04
CA GLN D 86 -43.70 -7.22 18.30
C GLN D 86 -44.34 -5.85 18.47
N ALA D 87 -43.68 -4.77 18.04
CA ALA D 87 -44.22 -3.41 18.21
C ALA D 87 -44.70 -3.15 19.64
N ASP D 88 -43.92 -3.59 20.62
CA ASP D 88 -44.32 -3.53 22.03
C ASP D 88 -43.73 -2.33 22.78
N ASP D 89 -43.20 -1.33 22.07
CA ASP D 89 -42.69 -0.13 22.71
C ASP D 89 -42.96 1.03 21.75
N THR D 90 -42.62 2.25 22.18
CA THR D 90 -42.96 3.44 21.43
C THR D 90 -41.73 4.17 20.89
N ALA D 91 -42.03 5.13 20.02
CA ALA D 91 -41.07 6.07 19.44
C ALA D 91 -39.88 5.42 18.69
N ILE D 92 -40.12 4.38 17.90
CA ILE D 92 -39.08 3.77 17.08
C ILE D 92 -39.17 4.43 15.71
N TYR D 93 -38.37 5.47 15.45
CA TYR D 93 -38.61 6.15 14.17
C TYR D 93 -37.53 7.01 13.48
N TYR D 94 -36.34 7.27 14.03
CA TYR D 94 -35.43 8.17 13.30
C TYR D 94 -34.56 7.43 12.31
N CYS D 95 -34.49 8.00 11.10
CA CYS D 95 -33.68 7.57 9.97
C CYS D 95 -32.59 8.63 9.79
N ALA D 96 -31.33 8.22 9.65
CA ALA D 96 -30.23 9.16 9.51
C ALA D 96 -29.16 8.69 8.54
N ARG D 97 -28.50 9.64 7.89
CA ARG D 97 -27.39 9.34 6.98
C ARG D 97 -26.08 9.14 7.72
N ALA D 98 -25.26 8.17 7.24
CA ALA D 98 -23.91 7.93 7.75
C ALA D 98 -22.85 8.29 6.69
N PRO D 99 -21.66 8.76 7.12
CA PRO D 99 -20.64 9.25 6.17
C PRO D 99 -20.26 8.22 5.11
N PRO D 100 -20.13 8.63 3.84
CA PRO D 100 -19.82 7.67 2.77
C PRO D 100 -18.35 7.32 2.60
N TYR D 101 -17.66 6.85 3.65
CA TYR D 101 -16.25 6.51 3.43
C TYR D 101 -15.72 5.61 4.55
N TYR D 102 -14.43 5.27 4.44
CA TYR D 102 -13.75 4.33 5.34
C TYR D 102 -13.07 4.93 6.57
N ASP D 103 -13.19 4.19 7.67
CA ASP D 103 -12.54 4.47 8.96
C ASP D 103 -11.24 3.66 8.97
N PHE D 104 -10.17 4.28 8.46
CA PHE D 104 -8.97 3.51 8.12
C PHE D 104 -8.31 2.84 9.33
N TRP D 105 -8.31 3.48 10.51
CA TRP D 105 -7.68 2.92 11.71
C TRP D 105 -8.66 2.34 12.72
N SER D 106 -9.85 1.98 12.29
CA SER D 106 -10.80 1.33 13.18
C SER D 106 -10.24 0.00 13.68
N GLY D 107 -10.56 -0.33 14.92
CA GLY D 107 -10.15 -1.58 15.54
C GLY D 107 -11.09 -2.76 15.40
N TYR D 108 -12.21 -2.63 14.68
CA TYR D 108 -13.16 -3.73 14.56
C TYR D 108 -13.93 -3.79 13.24
N SER D 109 -14.13 -2.65 12.58
CA SER D 109 -14.89 -2.58 11.34
C SER D 109 -14.43 -1.34 10.63
N TYR D 110 -14.49 -1.34 9.30
CA TYR D 110 -13.95 -0.20 8.54
C TYR D 110 -14.93 0.93 8.28
N TYR D 111 -16.18 0.81 8.71
CA TYR D 111 -17.14 1.90 8.60
C TYR D 111 -17.04 2.81 9.81
N TYR D 112 -17.45 4.07 9.62
CA TYR D 112 -17.34 5.05 10.70
C TYR D 112 -18.35 4.86 11.83
N TYR D 113 -19.52 4.27 11.57
CA TYR D 113 -20.56 4.16 12.61
C TYR D 113 -20.90 5.53 13.17
N TYR D 114 -21.06 6.50 12.28
CA TYR D 114 -21.37 7.89 12.64
C TYR D 114 -22.60 8.33 11.86
N MET D 115 -23.49 9.05 12.52
CA MET D 115 -24.73 9.53 11.92
C MET D 115 -24.56 11.02 11.62
N ASP D 116 -24.99 11.44 10.43
CA ASP D 116 -24.79 12.83 9.99
C ASP D 116 -26.12 13.57 9.85
N VAL D 117 -26.94 13.25 8.85
CA VAL D 117 -28.15 14.01 8.55
C VAL D 117 -29.36 13.13 8.85
N TRP D 118 -30.18 13.62 9.78
CA TRP D 118 -31.36 12.93 10.28
C TRP D 118 -32.61 13.33 9.51
N GLY D 119 -33.57 12.40 9.43
CA GLY D 119 -34.85 12.66 8.83
C GLY D 119 -35.85 13.26 9.81
N LYS D 120 -37.11 13.33 9.37
CA LYS D 120 -38.14 13.99 10.18
C LYS D 120 -38.71 13.08 11.26
N GLY D 121 -38.73 11.77 11.01
CA GLY D 121 -39.29 10.81 11.95
C GLY D 121 -40.78 10.59 11.78
N THR D 122 -41.30 9.71 12.63
CA THR D 122 -42.69 9.30 12.68
C THR D 122 -43.14 9.32 14.13
N THR D 123 -44.43 9.05 14.35
CA THR D 123 -44.99 8.88 15.68
C THR D 123 -45.42 7.42 15.82
N VAL D 124 -44.84 6.72 16.79
CA VAL D 124 -45.09 5.30 17.03
C VAL D 124 -45.65 5.12 18.43
N THR D 125 -46.85 4.57 18.52
CA THR D 125 -47.51 4.29 19.79
C THR D 125 -47.96 2.84 19.80
N VAL D 126 -48.25 2.33 20.99
CA VAL D 126 -48.68 0.95 21.16
C VAL D 126 -50.20 0.90 21.11
N ASP E 1 -22.29 -4.56 27.39
CA ASP E 1 -22.42 -3.19 26.83
C ASP E 1 -21.34 -2.30 27.45
N ILE E 2 -21.28 -1.03 27.04
CA ILE E 2 -20.31 -0.07 27.54
C ILE E 2 -21.05 1.05 28.24
N VAL E 3 -20.67 1.32 29.49
CA VAL E 3 -21.30 2.36 30.29
C VAL E 3 -21.06 3.74 29.69
N MET E 4 -22.12 4.55 29.68
CA MET E 4 -22.11 5.94 29.23
C MET E 4 -22.84 6.78 30.28
N THR E 5 -22.24 7.90 30.68
CA THR E 5 -22.89 8.74 31.67
C THR E 5 -22.51 10.21 31.51
N GLN E 6 -23.44 11.07 31.90
CA GLN E 6 -23.26 12.52 31.90
C GLN E 6 -23.19 12.98 33.35
N SER E 7 -22.46 14.06 33.60
CA SER E 7 -22.41 14.62 34.94
C SER E 7 -23.66 15.45 35.27
N PRO E 8 -23.96 16.54 34.55
CA PRO E 8 -25.16 17.31 34.90
C PRO E 8 -26.46 16.67 34.45
N SER E 9 -27.52 16.97 35.21
CA SER E 9 -28.88 16.63 34.80
C SER E 9 -29.53 17.75 33.98
N SER E 10 -29.19 19.00 34.29
CA SER E 10 -29.63 20.17 33.54
C SER E 10 -28.78 21.35 33.99
N LEU E 11 -28.72 22.37 33.14
CA LEU E 11 -27.99 23.60 33.44
C LEU E 11 -28.80 24.85 33.15
N ALA E 12 -28.76 25.79 34.09
CA ALA E 12 -29.38 27.09 33.89
C ALA E 12 -28.54 27.85 32.86
N MET E 13 -29.20 28.68 32.04
CA MET E 13 -28.48 29.46 31.05
C MET E 13 -29.07 30.87 31.02
N SER E 14 -28.19 31.82 30.68
CA SER E 14 -28.54 33.23 30.50
C SER E 14 -27.61 33.79 29.44
N VAL E 15 -27.93 34.96 28.91
CA VAL E 15 -27.07 35.52 27.87
C VAL E 15 -25.91 36.18 28.60
N GLY E 16 -24.76 35.54 28.52
CA GLY E 16 -23.56 35.93 29.25
C GLY E 16 -22.91 34.63 29.73
N GLN E 17 -21.64 34.74 30.11
CA GLN E 17 -20.91 33.59 30.67
C GLN E 17 -20.85 32.43 29.67
N LYS E 18 -20.31 31.29 30.11
CA LYS E 18 -20.19 30.08 29.30
C LYS E 18 -20.89 28.95 30.03
N VAL E 19 -21.37 27.97 29.27
CA VAL E 19 -22.05 26.79 29.79
C VAL E 19 -21.14 25.57 29.62
N THR E 20 -20.82 24.91 30.73
CA THR E 20 -19.88 23.79 30.79
C THR E 20 -20.59 22.46 31.06
N MET E 21 -20.28 21.44 30.25
CA MET E 21 -20.84 20.10 30.45
C MET E 21 -19.76 19.06 30.15
N SER E 22 -19.92 17.87 30.73
CA SER E 22 -18.93 16.81 30.55
C SER E 22 -19.60 15.44 30.40
N CYS E 23 -18.82 14.52 29.83
CA CYS E 23 -19.24 13.18 29.44
C CYS E 23 -18.18 12.15 29.79
N LYS E 24 -18.59 11.03 30.39
CA LYS E 24 -17.71 9.93 30.72
C LYS E 24 -18.21 8.63 30.13
N SER E 25 -17.27 7.72 29.87
CA SER E 25 -17.55 6.40 29.33
C SER E 25 -16.39 5.49 29.72
N SER E 26 -16.54 4.20 29.45
CA SER E 26 -15.48 3.25 29.79
C SER E 26 -14.18 3.60 29.09
N GLN E 27 -14.23 3.91 27.79
CA GLN E 27 -13.05 4.27 27.03
C GLN E 27 -13.41 4.67 25.61
N SER E 28 -12.93 5.83 25.17
CA SER E 28 -13.13 6.32 23.82
C SER E 28 -11.83 6.50 23.05
N LEU E 29 -10.68 6.31 23.70
CA LEU E 29 -9.39 6.52 23.09
C LEU E 29 -9.00 5.35 22.20
N LEU E 30 -8.22 5.64 21.16
CA LEU E 30 -7.67 4.65 20.25
C LEU E 30 -6.17 4.53 20.48
N ASN E 31 -5.63 3.35 20.19
CA ASN E 31 -4.20 3.13 20.33
C ASN E 31 -3.41 3.75 19.18
N SER E 32 -3.96 3.73 17.97
CA SER E 32 -3.28 4.33 16.82
C SER E 32 -3.63 5.82 16.74
N SER E 33 -3.28 6.53 17.81
CA SER E 33 -3.64 7.93 17.98
C SER E 33 -5.15 8.18 17.89
N ASN E 34 -5.52 9.45 17.92
CA ASN E 34 -6.90 9.91 17.76
C ASN E 34 -7.83 9.48 18.89
N GLN E 35 -9.05 10.01 18.86
CA GLN E 35 -10.11 9.74 19.82
C GLN E 35 -11.41 9.91 19.06
N LYS E 36 -12.40 9.08 19.36
CA LYS E 36 -13.68 9.12 18.64
C LYS E 36 -14.85 9.32 19.60
N ASN E 37 -15.57 10.43 19.39
CA ASN E 37 -16.75 10.79 20.17
C ASN E 37 -17.60 11.72 19.31
N TYR E 38 -18.72 12.18 19.86
CA TYR E 38 -19.59 13.15 19.21
C TYR E 38 -20.73 13.55 20.12
N LEU E 39 -20.99 14.86 20.15
CA LEU E 39 -22.00 15.47 21.01
C LEU E 39 -23.03 16.11 20.10
N ALA E 40 -24.30 15.74 20.30
CA ALA E 40 -25.39 16.12 19.41
C ALA E 40 -26.27 17.27 19.89
N TRP E 41 -26.70 18.07 18.93
CA TRP E 41 -27.58 19.21 19.17
C TRP E 41 -28.99 18.81 18.70
N TYR E 42 -29.99 18.99 19.56
CA TYR E 42 -31.37 18.64 19.28
C TYR E 42 -32.34 19.80 19.41
N GLN E 43 -32.89 20.25 18.28
CA GLN E 43 -33.95 21.21 18.34
C GLN E 43 -35.12 20.43 18.92
N GLN E 44 -35.90 21.06 19.81
CA GLN E 44 -36.94 20.32 20.54
C GLN E 44 -37.89 19.56 19.63
N LYS E 45 -38.22 20.12 18.49
CA LYS E 45 -39.11 19.49 17.53
C LYS E 45 -38.39 18.47 16.64
N PRO E 46 -37.49 18.83 15.70
CA PRO E 46 -36.90 17.77 14.87
C PRO E 46 -35.82 16.89 15.51
N GLY E 47 -35.02 17.38 16.46
CA GLY E 47 -34.01 16.52 17.07
C GLY E 47 -33.04 15.90 16.08
N GLN E 48 -32.67 16.62 15.02
CA GLN E 48 -31.96 16.05 13.88
C GLN E 48 -30.46 16.31 13.79
N SER E 49 -29.78 16.80 14.85
CA SER E 49 -28.40 17.25 14.64
C SER E 49 -27.24 16.75 15.51
N PRO E 50 -26.67 15.57 15.18
CA PRO E 50 -25.43 15.15 15.79
C PRO E 50 -24.41 15.79 14.83
N LYS E 51 -24.85 16.21 13.63
CA LYS E 51 -23.89 16.77 12.66
C LYS E 51 -23.04 17.97 13.12
N LEU E 52 -23.33 18.65 14.23
CA LEU E 52 -22.50 19.83 14.54
C LEU E 52 -21.11 19.52 15.07
N LEU E 53 -20.81 18.27 15.43
CA LEU E 53 -19.49 17.94 15.93
C LEU E 53 -19.08 16.55 15.49
N VAL E 54 -17.90 16.48 14.87
CA VAL E 54 -17.30 15.24 14.38
C VAL E 54 -16.00 15.06 15.16
N TYR E 55 -15.87 13.93 15.84
CA TYR E 55 -14.68 13.66 16.66
C TYR E 55 -14.43 14.84 17.61
N PHE E 56 -13.26 15.48 17.52
CA PHE E 56 -12.88 16.60 18.37
C PHE E 56 -12.54 17.81 17.47
N ALA E 57 -13.34 18.02 16.43
CA ALA E 57 -13.12 19.11 15.50
C ALA E 57 -14.46 19.60 14.97
N SER E 58 -14.45 20.84 14.48
CA SER E 58 -15.64 21.40 13.87
C SER E 58 -16.10 20.50 12.72
N THR E 59 -17.41 20.48 12.50
CA THR E 59 -17.98 19.53 11.56
C THR E 59 -17.69 19.91 10.12
N ARG E 60 -18.07 18.98 9.24
CA ARG E 60 -17.87 19.14 7.80
C ARG E 60 -18.75 20.25 7.25
N GLU E 61 -19.95 20.39 7.80
CA GLU E 61 -20.89 21.41 7.39
C GLU E 61 -20.53 22.71 8.10
N SER E 62 -21.30 23.77 7.85
CA SER E 62 -21.03 25.05 8.49
C SER E 62 -21.16 24.91 10.01
N GLY E 63 -22.12 24.12 10.48
CA GLY E 63 -22.29 23.94 11.92
C GLY E 63 -22.53 25.27 12.59
N VAL E 64 -21.79 25.51 13.67
CA VAL E 64 -21.86 26.77 14.41
C VAL E 64 -20.41 27.22 14.51
N PRO E 65 -20.05 28.46 14.15
CA PRO E 65 -18.63 28.84 14.18
C PRO E 65 -18.04 28.88 15.57
N ASP E 66 -16.74 28.61 15.64
CA ASP E 66 -15.97 28.65 16.89
C ASP E 66 -16.51 27.70 17.96
N ARG E 67 -16.94 26.51 17.53
CA ARG E 67 -17.37 25.49 18.49
C ARG E 67 -16.17 25.04 19.30
N PHE E 68 -16.33 24.95 20.62
CA PHE E 68 -15.23 24.58 21.49
C PHE E 68 -15.07 23.06 21.60
N ILE E 69 -13.83 22.61 21.49
CA ILE E 69 -13.46 21.20 21.64
C ILE E 69 -12.78 21.05 22.99
N GLY E 70 -13.27 20.10 23.78
CA GLY E 70 -12.75 19.86 25.11
C GLY E 70 -11.63 18.85 25.16
N SER E 71 -11.50 18.21 26.33
CA SER E 71 -10.41 17.27 26.59
C SER E 71 -10.37 16.14 25.58
N GLY E 72 -9.16 15.72 25.25
CA GLY E 72 -8.88 14.63 24.35
C GLY E 72 -8.53 13.31 25.02
N SER E 73 -8.79 13.19 26.32
CA SER E 73 -8.41 12.03 27.11
C SER E 73 -9.63 11.14 27.38
N GLY E 74 -9.55 10.30 28.42
CA GLY E 74 -10.62 9.36 28.72
C GLY E 74 -11.96 10.02 28.98
N THR E 75 -11.96 11.20 29.60
CA THR E 75 -13.17 11.94 29.90
C THR E 75 -13.28 13.13 28.95
N ASP E 76 -14.40 13.22 28.25
CA ASP E 76 -14.64 14.25 27.27
C ASP E 76 -15.51 15.34 27.87
N PHE E 77 -15.42 16.55 27.34
CA PHE E 77 -16.29 17.61 27.80
C PHE E 77 -16.38 18.69 26.74
N THR E 78 -17.31 19.63 26.93
CA THR E 78 -17.46 20.74 26.01
C THR E 78 -18.06 21.95 26.70
N LEU E 79 -17.78 23.12 26.14
CA LEU E 79 -18.38 24.36 26.56
C LEU E 79 -19.15 24.93 25.38
N THR E 80 -20.19 25.70 25.70
CA THR E 80 -20.88 26.44 24.66
C THR E 80 -19.96 27.55 24.18
N ILE E 81 -20.36 28.21 23.10
CA ILE E 81 -19.50 29.19 22.47
C ILE E 81 -19.63 30.49 23.24
N SER E 82 -18.89 30.57 24.35
CA SER E 82 -18.94 31.66 25.34
C SER E 82 -20.41 31.94 25.64
N SER E 83 -20.84 33.20 25.68
CA SER E 83 -22.24 33.53 25.80
C SER E 83 -22.94 33.23 24.48
N VAL E 84 -24.08 32.54 24.54
CA VAL E 84 -24.84 32.19 23.35
C VAL E 84 -26.26 32.70 23.53
N GLN E 85 -26.96 32.88 22.42
CA GLN E 85 -28.37 33.25 22.50
C GLN E 85 -29.23 32.00 22.38
N ALA E 86 -28.94 31.15 21.40
CA ALA E 86 -29.61 29.88 21.13
C ALA E 86 -31.10 29.90 21.46
N GLU E 87 -31.57 28.89 22.17
CA GLU E 87 -32.87 28.85 22.85
C GLU E 87 -32.76 27.61 23.74
N ASP E 88 -33.79 27.35 24.53
CA ASP E 88 -33.69 26.25 25.50
C ASP E 88 -33.90 24.91 24.81
N LEU E 89 -32.84 24.47 24.12
CA LEU E 89 -32.77 23.23 23.37
C LEU E 89 -31.86 22.25 24.11
N ALA E 90 -31.95 20.99 23.72
CA ALA E 90 -31.01 19.98 24.22
C ALA E 90 -29.77 20.03 23.34
N ASP E 91 -29.00 21.09 23.54
CA ASP E 91 -27.86 21.38 22.68
C ASP E 91 -26.83 20.25 22.65
N TYR E 92 -26.72 19.47 23.73
CA TYR E 92 -25.80 18.34 23.72
C TYR E 92 -26.42 17.06 24.27
N PHE E 93 -26.15 15.98 23.56
CA PHE E 93 -26.30 14.60 24.00
C PHE E 93 -24.96 13.97 23.70
N CYS E 94 -24.36 13.27 24.66
CA CYS E 94 -23.07 12.66 24.41
C CYS E 94 -23.26 11.22 23.95
N GLN E 95 -22.66 10.88 22.80
CA GLN E 95 -22.73 9.52 22.27
C GLN E 95 -21.38 8.86 22.10
N GLN E 96 -21.43 7.54 22.19
CA GLN E 96 -20.27 6.71 21.96
C GLN E 96 -20.06 6.49 20.47
N HIS E 97 -18.80 6.50 20.10
CA HIS E 97 -18.26 6.29 18.78
C HIS E 97 -17.29 5.14 18.99
N TYR E 98 -16.85 4.45 17.93
CA TYR E 98 -15.88 3.36 18.12
C TYR E 98 -16.48 2.27 19.05
N SER E 99 -17.74 1.92 18.78
CA SER E 99 -18.37 0.86 19.56
C SER E 99 -19.56 0.31 18.80
N THR E 100 -19.61 -1.01 18.63
CA THR E 100 -20.72 -1.62 17.88
C THR E 100 -22.09 -1.28 18.45
N PRO E 101 -22.36 -1.37 19.77
CA PRO E 101 -23.69 -0.98 20.26
C PRO E 101 -24.04 0.50 20.10
N LEU E 102 -23.07 1.40 19.93
CA LEU E 102 -23.29 2.86 19.87
C LEU E 102 -24.37 3.32 20.86
N THR E 103 -24.10 3.07 22.14
CA THR E 103 -25.04 3.48 23.17
C THR E 103 -25.14 4.99 23.21
N PHE E 104 -26.35 5.49 23.49
CA PHE E 104 -26.59 6.91 23.65
C PHE E 104 -26.82 7.26 25.12
N GLY E 105 -26.35 8.45 25.51
CA GLY E 105 -26.61 8.97 26.83
C GLY E 105 -27.80 9.91 26.87
N ALA E 106 -28.05 10.44 28.06
CA ALA E 106 -29.12 11.41 28.28
C ALA E 106 -28.66 12.79 27.82
N GLY E 107 -29.63 13.66 27.54
CA GLY E 107 -29.34 15.03 27.17
C GLY E 107 -29.15 15.91 28.40
N THR E 108 -28.77 17.16 28.15
CA THR E 108 -28.54 18.14 29.21
C THR E 108 -29.59 19.24 29.24
N LYS E 109 -29.86 19.87 28.11
CA LYS E 109 -30.82 20.97 27.97
C LYS E 109 -30.35 22.26 28.64
N LEU E 110 -30.83 23.39 28.12
CA LEU E 110 -30.58 24.71 28.69
C LEU E 110 -31.88 25.19 29.33
N GLU E 111 -31.76 26.00 30.40
CA GLU E 111 -32.93 26.56 31.08
C GLU E 111 -32.81 28.06 31.34
N LEU E 112 -33.63 28.85 30.64
CA LEU E 112 -33.73 30.28 30.93
C LEU E 112 -34.72 30.50 32.05
N LYS E 113 -34.46 31.52 32.87
CA LYS E 113 -35.36 31.88 33.97
C LYS E 113 -34.84 33.13 34.67
C1 NAG F . 4.85 19.09 2.89
C2 NAG F . 4.92 20.39 2.08
C3 NAG F . 6.07 21.25 2.57
C4 NAG F . 5.91 21.52 4.07
C5 NAG F . 5.82 20.18 4.82
C6 NAG F . 5.55 20.36 6.29
C7 NAG F . 4.63 20.93 -0.30
C8 NAG F . 4.87 20.48 -1.71
N2 NAG F . 5.06 20.10 0.66
O3 NAG F . 6.08 22.48 1.86
O4 NAG F . 7.03 22.26 4.56
O5 NAG F . 4.74 19.40 4.28
O6 NAG F . 4.37 21.12 6.52
O7 NAG F . 4.09 22.00 -0.03
#